data_9HNX
#
_entry.id   9HNX
#
_cell.length_a   42.563
_cell.length_b   41.896
_cell.length_c   72.516
_cell.angle_alpha   90.000
_cell.angle_beta   104.575
_cell.angle_gamma   90.000
#
_symmetry.space_group_name_H-M   'P 1 21 1'
#
loop_
_entity.id
_entity.type
_entity.pdbx_description
1 polymer 'Carbonic anhydrase 2'
2 non-polymer GLYCEROL
3 non-polymer 1,2-ETHANEDIOL
4 non-polymer 'ZINC ION'
5 non-polymer (2~{R})-2-[2-chloranylethanoyl-[2-(4-sulfamoylphenyl)ethyl]amino]-2-phenyl-~{N}-(phenylmethyl)ethanamide
6 water water
#
_entity_poly.entity_id   1
_entity_poly.type   'polypeptide(L)'
_entity_poly.pdbx_seq_one_letter_code
;MSHHWGYGKHNGPEHWHKDFPIAKGERQSPVDIDTHTAKYDPSLKPLSVSYDQATSLRILNNGHAFNVEFDDSQDKAVLK
GGPLDGTYRLIQFHFHWGSLDGQGSEHTVDKKKYAAELHLVHWNTKYGDFGKAVQQPDGLAVLGIFLKVGSAKPGLQKVV
DVLDSIKTKGKSADFTNFDPRGLLPESLDYWTYPGSLTTPPLLECVTWIVLKEPISVSSEQVLKFRKLNFNGEGEPEELM
VDNWRPAQPLKNRQIKASFK
;
_entity_poly.pdbx_strand_id   AAA
#
loop_
_chem_comp.id
_chem_comp.type
_chem_comp.name
_chem_comp.formula
A1IWH non-polymer (2~{R})-2-[2-chloranylethanoyl-[2-(4-sulfamoylphenyl)ethyl]amino]-2-phenyl-~{N}-(phenylmethyl)ethanamide 'C25 H26 Cl N3 O4 S'
EDO non-polymer 1,2-ETHANEDIOL 'C2 H6 O2'
GOL non-polymer GLYCEROL 'C3 H8 O3'
ZN non-polymer 'ZINC ION' 'Zn 2'
#
# COMPACT_ATOMS: atom_id res chain seq x y z
N HIS A 3 -13.73 -21.16 -3.39
CA HIS A 3 -13.77 -20.39 -2.07
C HIS A 3 -12.38 -19.75 -1.81
N HIS A 4 -12.00 -18.78 -2.66
CA HIS A 4 -10.71 -18.03 -2.70
C HIS A 4 -10.81 -16.88 -1.68
N TRP A 5 -9.68 -16.39 -1.21
CA TRP A 5 -9.67 -15.31 -0.20
C TRP A 5 -10.23 -14.04 -0.81
N GLY A 6 -10.75 -13.19 0.06
CA GLY A 6 -11.17 -11.85 -0.32
C GLY A 6 -11.50 -10.99 0.85
N TYR A 7 -12.51 -10.16 0.74
CA TYR A 7 -12.86 -9.19 1.78
C TYR A 7 -14.38 -9.26 2.02
N GLY A 8 -15.03 -10.35 1.63
CA GLY A 8 -16.46 -10.59 1.95
C GLY A 8 -16.68 -11.13 3.38
N LYS A 9 -17.91 -11.43 3.77
CA LYS A 9 -18.20 -12.01 5.13
C LYS A 9 -17.67 -13.43 5.17
N HIS A 10 -17.65 -14.09 4.01
CA HIS A 10 -17.32 -15.51 4.04
C HIS A 10 -15.86 -15.83 3.75
N ASN A 11 -15.08 -14.88 3.26
CA ASN A 11 -13.71 -15.14 2.79
C ASN A 11 -12.75 -14.03 3.24
N GLY A 12 -13.20 -13.16 4.16
CA GLY A 12 -12.44 -11.98 4.57
C GLY A 12 -11.32 -12.33 5.55
N PRO A 13 -10.67 -11.27 6.06
CA PRO A 13 -9.48 -11.44 6.91
C PRO A 13 -9.57 -12.43 8.08
N GLU A 14 -10.73 -12.56 8.68
CA GLU A 14 -10.90 -13.49 9.82
C GLU A 14 -10.79 -14.95 9.39
N HIS A 15 -10.89 -15.24 8.09
CA HIS A 15 -10.80 -16.60 7.55
C HIS A 15 -9.41 -16.94 7.00
N TRP A 16 -8.58 -15.94 6.70
CA TRP A 16 -7.33 -16.15 5.96
C TRP A 16 -6.44 -17.17 6.66
N HIS A 17 -6.43 -17.22 7.99
CA HIS A 17 -5.52 -18.11 8.73
C HIS A 17 -5.70 -19.59 8.35
N LYS A 18 -6.87 -19.98 7.87
CA LYS A 18 -7.10 -21.40 7.52
C LYS A 18 -6.23 -21.82 6.34
N ASP A 19 -6.12 -20.98 5.32
CA ASP A 19 -5.19 -21.29 4.21
C ASP A 19 -3.78 -20.74 4.41
N PHE A 20 -3.61 -19.71 5.25
CA PHE A 20 -2.33 -19.02 5.41
C PHE A 20 -2.07 -18.85 6.91
N PRO A 21 -1.66 -19.92 7.59
CA PRO A 21 -1.48 -19.88 9.06
C PRO A 21 -0.55 -18.78 9.60
N ILE A 22 0.34 -18.27 8.75
CA ILE A 22 1.19 -17.10 9.12
CA ILE A 22 1.19 -17.11 9.14
C ILE A 22 0.31 -15.88 9.41
N ALA A 23 -0.98 -15.91 9.07
CA ALA A 23 -1.89 -14.81 9.42
C ALA A 23 -1.81 -14.52 10.93
N LYS A 24 -1.51 -15.54 11.76
CA LYS A 24 -1.44 -15.40 13.24
C LYS A 24 0.02 -15.30 13.70
N GLY A 25 0.93 -14.86 12.83
CA GLY A 25 2.36 -14.86 13.11
C GLY A 25 2.84 -13.69 13.97
N GLU A 26 4.17 -13.59 14.07
CA GLU A 26 4.77 -12.66 15.00
C GLU A 26 5.06 -11.30 14.40
N ARG A 27 4.88 -11.13 13.09
CA ARG A 27 5.26 -9.82 12.48
C ARG A 27 4.24 -9.51 11.36
N GLN A 28 2.98 -9.55 11.74
CA GLN A 28 1.89 -9.30 10.76
C GLN A 28 1.57 -7.80 10.67
N SER A 29 1.09 -7.43 9.48
CA SER A 29 0.68 -6.07 9.16
C SER A 29 -0.75 -6.05 8.63
N PRO A 30 -1.44 -4.91 8.71
CA PRO A 30 -0.97 -3.66 9.30
C PRO A 30 -1.04 -3.69 10.83
N VAL A 31 -0.66 -2.56 11.46
CA VAL A 31 -0.72 -2.33 12.89
C VAL A 31 -1.27 -0.92 13.17
N ASP A 32 -1.77 -0.76 14.39
CA ASP A 32 -2.03 0.58 14.95
C ASP A 32 -0.70 1.22 15.30
N ILE A 33 -0.53 2.48 14.93
CA ILE A 33 0.63 3.32 15.31
C ILE A 33 0.21 4.20 16.47
N ASP A 34 0.63 3.82 17.67
CA ASP A 34 0.39 4.63 18.89
CA ASP A 34 0.39 4.64 18.91
C ASP A 34 1.47 5.73 18.89
N THR A 35 1.06 6.96 18.63
CA THR A 35 2.00 8.09 18.45
C THR A 35 2.71 8.44 19.76
N HIS A 36 2.14 8.03 20.89
CA HIS A 36 2.74 8.36 22.19
C HIS A 36 3.76 7.29 22.61
N THR A 37 3.75 6.13 22.01
CA THR A 37 4.66 4.99 22.29
C THR A 37 5.79 4.92 21.25
N ALA A 38 5.56 5.34 20.00
CA ALA A 38 6.59 5.31 18.93
C ALA A 38 7.73 6.21 19.36
N LYS A 39 8.95 5.75 19.25
CA LYS A 39 10.09 6.56 19.76
C LYS A 39 10.91 7.14 18.61
N TYR A 40 11.24 8.43 18.66
CA TYR A 40 12.20 9.06 17.76
C TYR A 40 13.48 8.23 17.83
N ASP A 41 13.99 7.85 16.69
CA ASP A 41 15.27 7.14 16.54
C ASP A 41 16.22 8.06 15.77
N PRO A 42 17.20 8.70 16.44
CA PRO A 42 18.15 9.57 15.74
C PRO A 42 19.08 8.81 14.78
N SER A 43 19.15 7.49 14.86
CA SER A 43 20.03 6.66 13.95
C SER A 43 19.39 6.47 12.58
N LEU A 44 18.11 6.69 12.46
CA LEU A 44 17.49 6.55 11.11
C LEU A 44 18.07 7.60 10.16
N LYS A 45 17.95 7.40 8.88
CA LYS A 45 18.26 8.46 7.89
C LYS A 45 17.02 8.97 7.20
N PRO A 46 17.33 10.12 6.55
CA PRO A 46 16.49 10.71 5.57
C PRO A 46 16.36 9.60 4.52
N LEU A 47 15.12 9.53 4.24
CA LEU A 47 14.62 8.64 3.23
C LEU A 47 15.05 9.27 1.90
N SER A 48 15.36 8.44 0.94
CA SER A 48 15.69 8.87 -0.43
C SER A 48 14.69 8.21 -1.35
N VAL A 49 13.77 8.98 -1.90
CA VAL A 49 12.73 8.52 -2.86
C VAL A 49 13.20 9.04 -4.22
N SER A 50 13.67 8.17 -5.08
CA SER A 50 14.21 8.59 -6.40
C SER A 50 13.32 8.04 -7.50
N TYR A 51 12.31 8.82 -7.89
CA TYR A 51 11.28 8.40 -8.87
C TYR A 51 11.41 9.17 -10.19
N ASP A 52 12.41 10.04 -10.37
CA ASP A 52 12.53 10.80 -11.66
C ASP A 52 12.45 9.86 -12.87
N GLN A 53 13.11 8.73 -12.85
CA GLN A 53 13.21 7.94 -14.10
C GLN A 53 12.17 6.82 -14.14
N ALA A 54 11.14 6.86 -13.32
CA ALA A 54 10.18 5.74 -13.21
C ALA A 54 9.46 5.54 -14.52
N THR A 55 9.29 4.29 -14.90
CA THR A 55 8.65 3.85 -16.17
C THR A 55 7.42 3.01 -15.82
N SER A 56 6.26 3.63 -15.70
CA SER A 56 5.00 2.89 -15.52
C SER A 56 4.65 2.18 -16.83
N LEU A 57 4.01 1.03 -16.73
CA LEU A 57 3.62 0.25 -17.96
C LEU A 57 2.14 -0.01 -18.05
N ARG A 58 1.49 -0.40 -16.99
CA ARG A 58 0.16 -1.00 -17.08
C ARG A 58 -0.60 -0.76 -15.76
N ILE A 59 -1.92 -0.77 -15.84
CA ILE A 59 -2.82 -0.78 -14.70
C ILE A 59 -3.70 -2.00 -14.82
N LEU A 60 -3.86 -2.75 -13.73
CA LEU A 60 -4.52 -4.05 -13.72
C LEU A 60 -5.53 -4.06 -12.56
N ASN A 61 -6.75 -4.50 -12.80
CA ASN A 61 -7.72 -4.87 -11.76
C ASN A 61 -7.52 -6.35 -11.49
N ASN A 62 -6.98 -6.66 -10.31
CA ASN A 62 -6.63 -8.05 -9.96
C ASN A 62 -7.71 -8.72 -9.12
N GLY A 63 -8.88 -8.10 -8.99
CA GLY A 63 -9.95 -8.68 -8.19
C GLY A 63 -9.93 -8.34 -6.72
N HIS A 64 -8.88 -7.66 -6.28
CA HIS A 64 -8.65 -7.24 -4.85
C HIS A 64 -8.47 -5.72 -4.80
N ALA A 65 -7.73 -5.15 -5.72
CA ALA A 65 -7.39 -3.76 -5.86
C ALA A 65 -7.07 -3.49 -7.32
N PHE A 66 -6.55 -2.35 -7.61
CA PHE A 66 -5.87 -2.10 -8.91
C PHE A 66 -4.38 -1.81 -8.67
N ASN A 67 -3.54 -2.40 -9.55
CA ASN A 67 -2.09 -2.19 -9.43
C ASN A 67 -1.60 -1.41 -10.63
N VAL A 68 -0.84 -0.36 -10.37
CA VAL A 68 -0.05 0.31 -11.40
C VAL A 68 1.33 -0.32 -11.38
N GLU A 69 1.74 -0.95 -12.46
CA GLU A 69 2.97 -1.72 -12.54
C GLU A 69 4.03 -0.90 -13.28
N PHE A 70 5.24 -1.09 -12.89
CA PHE A 70 6.43 -0.41 -13.42
C PHE A 70 7.38 -1.42 -14.06
N ASP A 71 8.23 -0.93 -14.96
CA ASP A 71 9.41 -1.67 -15.47
C ASP A 71 10.43 -1.78 -14.33
N ASP A 72 10.74 -2.95 -13.86
CA ASP A 72 11.71 -3.13 -12.74
CA ASP A 72 11.73 -3.09 -12.76
C ASP A 72 12.98 -3.84 -13.28
N SER A 73 13.11 -3.99 -14.63
CA SER A 73 14.21 -4.69 -15.40
C SER A 73 15.55 -3.94 -15.33
N GLN A 74 15.51 -2.76 -14.73
CA GLN A 74 16.73 -1.99 -14.31
C GLN A 74 16.32 -1.10 -13.14
N ASP A 75 17.33 -0.55 -12.43
CA ASP A 75 17.16 0.48 -11.37
C ASP A 75 16.91 1.80 -12.07
N LYS A 76 15.72 2.29 -11.93
CA LYS A 76 15.32 3.65 -12.34
C LYS A 76 14.68 4.26 -11.11
N ALA A 77 13.56 3.71 -10.70
CA ALA A 77 12.79 4.22 -9.56
C ALA A 77 13.14 3.41 -8.31
N VAL A 78 13.78 4.03 -7.35
CA VAL A 78 14.33 3.31 -6.21
C VAL A 78 14.04 4.06 -4.91
N LEU A 79 13.96 3.29 -3.84
CA LEU A 79 13.80 3.77 -2.48
C LEU A 79 15.07 3.33 -1.74
N LYS A 80 15.71 4.24 -1.03
CA LYS A 80 16.93 3.98 -0.25
C LYS A 80 16.85 4.80 1.02
N GLY A 81 17.79 4.52 1.91
CA GLY A 81 17.92 5.34 3.11
C GLY A 81 16.87 5.01 4.13
N GLY A 82 16.63 5.92 5.06
CA GLY A 82 15.73 5.64 6.18
C GLY A 82 16.26 4.44 6.96
N PRO A 83 15.40 3.43 7.21
CA PRO A 83 15.80 2.24 7.93
C PRO A 83 16.47 1.22 7.02
N LEU A 84 16.54 1.49 5.69
CA LEU A 84 16.88 0.47 4.69
C LEU A 84 18.38 0.40 4.46
N ASP A 85 18.83 -0.83 4.30
CA ASP A 85 20.20 -1.16 3.84
C ASP A 85 20.03 -1.51 2.36
N GLY A 86 20.71 -0.79 1.50
CA GLY A 86 20.80 -1.09 0.07
C GLY A 86 19.64 -0.48 -0.70
N THR A 87 19.36 -1.08 -1.83
CA THR A 87 18.56 -0.46 -2.87
C THR A 87 17.27 -1.27 -3.12
N TYR A 88 16.14 -0.57 -3.06
CA TYR A 88 14.84 -1.20 -3.26
C TYR A 88 14.18 -0.60 -4.48
N ARG A 89 13.80 -1.46 -5.42
CA ARG A 89 13.29 -1.05 -6.76
C ARG A 89 11.75 -1.00 -6.68
N LEU A 90 11.17 0.11 -7.16
CA LEU A 90 9.71 0.24 -7.26
C LEU A 90 9.20 -0.73 -8.33
N ILE A 91 8.23 -1.56 -7.98
CA ILE A 91 7.60 -2.55 -8.91
C ILE A 91 6.14 -2.20 -9.14
N GLN A 92 5.40 -1.70 -8.15
CA GLN A 92 3.96 -1.46 -8.31
C GLN A 92 3.47 -0.56 -7.21
N PHE A 93 2.36 0.09 -7.43
CA PHE A 93 1.58 0.68 -6.35
C PHE A 93 0.13 0.30 -6.48
N HIS A 94 -0.53 0.33 -5.34
CA HIS A 94 -1.96 0.07 -5.25
C HIS A 94 -2.51 0.79 -4.02
N PHE A 95 -3.82 0.75 -3.86
CA PHE A 95 -4.53 1.37 -2.75
C PHE A 95 -5.41 0.34 -2.02
N HIS A 96 -5.77 0.71 -0.80
CA HIS A 96 -6.87 0.08 -0.04
C HIS A 96 -7.81 1.22 0.36
N TRP A 97 -9.13 0.98 0.31
CA TRP A 97 -10.09 2.03 0.61
C TRP A 97 -11.39 1.46 1.14
N GLY A 98 -12.22 2.37 1.57
CA GLY A 98 -13.44 2.00 2.27
C GLY A 98 -14.70 2.21 1.44
N SER A 99 -15.81 1.81 2.05
CA SER A 99 -17.16 2.09 1.52
C SER A 99 -17.60 3.52 1.84
N LEU A 100 -17.03 4.11 2.87
CA LEU A 100 -17.35 5.49 3.37
C LEU A 100 -16.03 6.09 3.80
N ASP A 101 -16.01 7.40 3.99
CA ASP A 101 -14.73 8.09 4.23
C ASP A 101 -14.12 7.75 5.59
N GLY A 102 -14.92 7.27 6.55
CA GLY A 102 -14.44 6.94 7.91
C GLY A 102 -13.70 5.64 8.03
N GLN A 103 -13.43 4.92 6.95
CA GLN A 103 -12.66 3.68 6.99
C GLN A 103 -12.01 3.46 5.63
N GLY A 104 -11.01 2.60 5.63
CA GLY A 104 -10.36 2.28 4.34
C GLY A 104 -8.88 2.03 4.46
N SER A 105 -8.22 2.75 5.42
CA SER A 105 -6.76 2.52 5.65
C SER A 105 -6.56 1.18 6.35
N GLU A 106 -5.35 0.69 6.19
CA GLU A 106 -4.90 -0.56 6.83
C GLU A 106 -4.21 -0.19 8.15
N HIS A 107 -3.11 0.56 8.05
CA HIS A 107 -2.55 1.16 9.26
C HIS A 107 -3.55 2.17 9.81
N THR A 108 -3.49 2.34 11.12
CA THR A 108 -4.23 3.35 11.87
C THR A 108 -3.27 4.16 12.70
N VAL A 109 -3.70 5.33 13.10
CA VAL A 109 -2.85 6.26 13.85
C VAL A 109 -3.66 6.61 15.10
N ASP A 110 -3.22 6.16 16.25
CA ASP A 110 -4.04 6.32 17.47
C ASP A 110 -5.49 5.87 17.25
N LYS A 111 -5.61 4.73 16.57
CA LYS A 111 -6.88 4.04 16.20
C LYS A 111 -7.67 4.81 15.13
N LYS A 112 -7.21 5.97 14.64
CA LYS A 112 -7.87 6.67 13.53
C LYS A 112 -7.65 5.89 12.21
N LYS A 113 -8.77 5.66 11.54
CA LYS A 113 -8.79 5.09 10.19
CA LYS A 113 -8.77 5.09 10.18
C LYS A 113 -8.89 6.22 9.16
N TYR A 114 -8.03 6.20 8.18
CA TYR A 114 -8.14 7.15 7.07
C TYR A 114 -9.05 6.57 5.99
N ALA A 115 -9.41 7.42 4.99
CA ALA A 115 -10.33 7.01 3.92
C ALA A 115 -9.66 5.97 3.02
N ALA A 116 -8.36 5.99 2.89
CA ALA A 116 -7.65 5.06 2.02
C ALA A 116 -6.17 5.09 2.38
N GLU A 117 -5.44 4.17 1.80
CA GLU A 117 -3.98 4.05 2.00
C GLU A 117 -3.34 3.60 0.69
N LEU A 118 -2.30 4.30 0.28
CA LEU A 118 -1.48 4.01 -0.89
C LEU A 118 -0.25 3.25 -0.45
N HIS A 119 0.02 2.14 -1.14
CA HIS A 119 1.20 1.30 -0.94
C HIS A 119 2.08 1.33 -2.17
N LEU A 120 3.26 1.88 -2.07
CA LEU A 120 4.30 1.83 -3.09
C LEU A 120 5.24 0.71 -2.73
N VAL A 121 5.27 -0.33 -3.56
CA VAL A 121 5.93 -1.60 -3.26
C VAL A 121 7.28 -1.67 -3.97
N HIS A 122 8.31 -1.95 -3.19
CA HIS A 122 9.69 -1.99 -3.69
C HIS A 122 10.36 -3.29 -3.21
N TRP A 123 11.25 -3.83 -4.04
CA TRP A 123 11.95 -5.08 -3.68
C TRP A 123 13.47 -4.86 -3.59
N ASN A 124 14.12 -5.59 -2.70
CA ASN A 124 15.55 -5.46 -2.41
C ASN A 124 16.35 -6.12 -3.53
N THR A 125 17.08 -5.31 -4.28
CA THR A 125 17.74 -5.81 -5.51
C THR A 125 18.88 -6.77 -5.18
N LYS A 126 19.32 -6.89 -3.84
CA LYS A 126 20.37 -7.87 -3.53
C LYS A 126 19.85 -9.31 -3.72
N TYR A 127 18.52 -9.52 -3.85
CA TYR A 127 18.01 -10.87 -4.03
C TYR A 127 17.66 -11.16 -5.51
N GLY A 128 17.95 -10.27 -6.44
CA GLY A 128 17.92 -10.64 -7.87
C GLY A 128 16.56 -10.58 -8.52
N ASP A 129 15.51 -11.09 -7.92
CA ASP A 129 14.14 -10.95 -8.48
C ASP A 129 13.20 -10.84 -7.28
N PHE A 130 12.01 -10.37 -7.57
CA PHE A 130 11.06 -10.11 -6.48
C PHE A 130 10.60 -11.42 -5.87
N GLY A 131 10.44 -12.49 -6.65
CA GLY A 131 10.02 -13.78 -6.07
C GLY A 131 11.01 -14.31 -5.06
N LYS A 132 12.28 -14.06 -5.25
CA LYS A 132 13.30 -14.46 -4.28
C LYS A 132 13.23 -13.52 -3.07
N ALA A 133 13.06 -12.23 -3.33
CA ALA A 133 13.00 -11.21 -2.25
C ALA A 133 11.90 -11.51 -1.24
N VAL A 134 10.71 -11.93 -1.67
CA VAL A 134 9.65 -12.15 -0.66
C VAL A 134 9.93 -13.31 0.29
N GLN A 135 10.97 -14.10 0.03
CA GLN A 135 11.35 -15.21 0.90
C GLN A 135 12.35 -14.74 1.95
N GLN A 136 12.59 -13.43 2.04
CA GLN A 136 13.63 -12.90 2.94
C GLN A 136 13.01 -11.88 3.90
N PRO A 137 13.53 -11.77 5.15
CA PRO A 137 12.93 -10.86 6.11
C PRO A 137 13.05 -9.39 5.74
N ASP A 138 14.04 -9.09 4.94
CA ASP A 138 14.32 -7.72 4.45
C ASP A 138 14.13 -7.70 2.94
N GLY A 139 13.17 -8.44 2.42
CA GLY A 139 13.02 -8.50 0.94
C GLY A 139 12.28 -7.32 0.33
N LEU A 140 11.30 -6.78 1.03
CA LEU A 140 10.49 -5.69 0.49
C LEU A 140 10.51 -4.46 1.37
N ALA A 141 10.25 -3.32 0.78
CA ALA A 141 10.00 -2.06 1.48
C ALA A 141 8.72 -1.49 0.90
N VAL A 142 7.73 -1.27 1.72
CA VAL A 142 6.47 -0.67 1.30
C VAL A 142 6.36 0.69 1.94
N LEU A 143 6.20 1.70 1.08
CA LEU A 143 5.98 3.09 1.50
C LEU A 143 4.46 3.27 1.52
N GLY A 144 3.94 3.52 2.72
CA GLY A 144 2.54 3.69 2.95
C GLY A 144 2.18 5.17 3.14
N ILE A 145 1.12 5.61 2.50
CA ILE A 145 0.69 7.01 2.49
C ILE A 145 -0.81 7.03 2.73
N PHE A 146 -1.25 7.74 3.75
CA PHE A 146 -2.67 7.88 4.07
C PHE A 146 -3.32 8.87 3.11
N LEU A 147 -4.58 8.60 2.81
CA LEU A 147 -5.46 9.51 2.05
C LEU A 147 -6.60 9.98 2.95
N LYS A 148 -6.80 11.30 2.98
CA LYS A 148 -8.00 11.88 3.54
C LYS A 148 -8.74 12.67 2.46
N VAL A 149 -10.03 12.81 2.69
CA VAL A 149 -10.92 13.47 1.73
C VAL A 149 -10.94 14.98 2.00
N GLY A 150 -10.65 15.74 0.98
CA GLY A 150 -10.70 17.21 1.04
C GLY A 150 -10.52 17.80 -0.35
N SER A 151 -9.43 18.50 -0.56
CA SER A 151 -9.00 19.00 -1.88
CA SER A 151 -9.05 19.00 -1.89
C SER A 151 -8.56 17.85 -2.78
N ALA A 152 -8.83 17.97 -4.09
CA ALA A 152 -8.37 16.96 -5.08
C ALA A 152 -6.83 16.88 -5.09
N LYS A 153 -6.31 15.68 -5.38
CA LYS A 153 -4.90 15.45 -5.65
C LYS A 153 -4.70 15.46 -7.16
N PRO A 154 -4.10 16.52 -7.74
CA PRO A 154 -3.97 16.56 -9.20
C PRO A 154 -3.28 15.32 -9.75
N GLY A 155 -2.20 14.90 -9.10
CA GLY A 155 -1.37 13.80 -9.60
C GLY A 155 -2.06 12.46 -9.54
N LEU A 156 -3.22 12.38 -8.89
CA LEU A 156 -4.05 11.14 -8.85
C LEU A 156 -5.04 11.09 -10.04
N GLN A 157 -5.37 12.22 -10.68
CA GLN A 157 -6.51 12.24 -11.63
C GLN A 157 -6.25 11.31 -12.82
N LYS A 158 -5.01 11.17 -13.32
CA LYS A 158 -4.77 10.24 -14.46
C LYS A 158 -5.16 8.82 -14.06
N VAL A 159 -4.92 8.45 -12.81
CA VAL A 159 -5.31 7.13 -12.30
C VAL A 159 -6.83 7.02 -12.28
N VAL A 160 -7.50 7.97 -11.64
CA VAL A 160 -8.98 8.01 -11.59
C VAL A 160 -9.58 7.85 -13.00
N ASP A 161 -9.04 8.55 -13.96
CA ASP A 161 -9.71 8.61 -15.28
C ASP A 161 -9.55 7.32 -16.10
N VAL A 162 -8.67 6.39 -15.72
CA VAL A 162 -8.51 5.13 -16.47
C VAL A 162 -9.34 4.04 -15.77
N LEU A 163 -9.91 4.30 -14.57
CA LEU A 163 -10.56 3.20 -13.82
C LEU A 163 -11.77 2.64 -14.56
N ASP A 164 -12.49 3.45 -15.31
CA ASP A 164 -13.66 3.02 -16.11
C ASP A 164 -13.28 1.92 -17.09
N SER A 165 -12.02 1.87 -17.51
CA SER A 165 -11.53 0.93 -18.55
C SER A 165 -11.10 -0.39 -17.90
N ILE A 166 -11.01 -0.47 -16.56
CA ILE A 166 -10.55 -1.69 -15.85
C ILE A 166 -11.55 -2.04 -14.73
N LYS A 167 -12.83 -1.96 -15.04
CA LYS A 167 -13.90 -2.05 -14.04
C LYS A 167 -13.84 -3.41 -13.32
N THR A 168 -13.58 -4.50 -14.05
CA THR A 168 -13.73 -5.83 -13.54
C THR A 168 -12.41 -6.57 -13.49
N LYS A 169 -12.40 -7.58 -12.62
CA LYS A 169 -11.26 -8.45 -12.39
C LYS A 169 -10.68 -9.02 -13.69
N GLY A 170 -9.38 -8.87 -13.84
CA GLY A 170 -8.65 -9.38 -15.00
C GLY A 170 -8.50 -8.36 -16.10
N LYS A 171 -9.19 -7.25 -16.04
CA LYS A 171 -8.99 -6.17 -17.03
C LYS A 171 -7.71 -5.40 -16.75
N SER A 172 -7.03 -5.04 -17.76
CA SER A 172 -5.86 -4.18 -17.70
C SER A 172 -5.90 -3.11 -18.79
N ALA A 173 -5.07 -2.09 -18.65
CA ALA A 173 -4.94 -1.05 -19.67
C ALA A 173 -3.51 -0.55 -19.71
N ASP A 174 -3.11 -0.07 -20.85
CA ASP A 174 -1.80 0.56 -20.99
C ASP A 174 -1.79 1.77 -20.03
N PHE A 175 -0.69 2.00 -19.29
CA PHE A 175 -0.59 3.11 -18.30
C PHE A 175 0.85 3.56 -18.26
N THR A 176 1.34 4.05 -19.37
CA THR A 176 2.70 4.58 -19.54
C THR A 176 2.79 6.01 -19.05
N ASN A 177 4.01 6.42 -18.76
CA ASN A 177 4.40 7.81 -18.49
C ASN A 177 3.70 8.41 -17.26
N PHE A 178 3.31 7.61 -16.30
CA PHE A 178 2.72 8.11 -15.05
C PHE A 178 3.84 8.40 -14.05
N ASP A 179 3.79 9.57 -13.43
CA ASP A 179 4.84 10.03 -12.49
C ASP A 179 4.35 9.85 -11.07
N PRO A 180 4.85 8.85 -10.32
CA PRO A 180 4.35 8.62 -8.96
C PRO A 180 4.77 9.72 -7.96
N ARG A 181 5.69 10.63 -8.34
CA ARG A 181 6.04 11.78 -7.46
C ARG A 181 4.80 12.58 -7.13
N GLY A 182 3.83 12.59 -8.04
CA GLY A 182 2.58 13.34 -7.88
C GLY A 182 1.67 12.77 -6.82
N LEU A 183 2.07 11.64 -6.21
CA LEU A 183 1.23 11.04 -5.16
C LEU A 183 1.79 11.29 -3.78
N LEU A 184 2.95 11.95 -3.66
CA LEU A 184 3.62 12.09 -2.35
C LEU A 184 3.12 13.35 -1.65
N PRO A 185 3.14 13.37 -0.30
CA PRO A 185 2.92 14.59 0.46
C PRO A 185 4.18 15.45 0.40
N GLU A 186 4.13 16.58 1.09
CA GLU A 186 5.29 17.51 1.18
CA GLU A 186 5.27 17.52 1.18
C GLU A 186 6.39 16.91 2.03
N SER A 187 6.07 16.45 3.23
CA SER A 187 7.01 15.89 4.20
C SER A 187 7.21 14.40 3.95
N LEU A 188 8.45 13.96 4.17
CA LEU A 188 8.81 12.53 4.21
C LEU A 188 9.01 12.02 5.64
N ASP A 189 8.54 12.73 6.64
CA ASP A 189 8.57 12.21 8.04
C ASP A 189 7.79 10.88 8.09
N TYR A 190 8.33 9.88 8.81
CA TYR A 190 7.70 8.56 8.79
C TYR A 190 7.85 7.79 10.09
N TRP A 191 7.05 6.76 10.20
CA TRP A 191 7.15 5.67 11.14
C TRP A 191 7.65 4.44 10.44
N THR A 192 8.39 3.58 11.11
CA THR A 192 8.86 2.32 10.48
C THR A 192 8.78 1.18 11.46
N TYR A 193 8.52 -0.02 10.96
CA TYR A 193 8.53 -1.24 11.78
C TYR A 193 8.63 -2.42 10.83
N PRO A 194 9.03 -3.60 11.33
CA PRO A 194 9.11 -4.81 10.53
C PRO A 194 7.74 -5.47 10.47
N GLY A 195 7.28 -5.84 9.28
CA GLY A 195 5.99 -6.50 9.18
C GLY A 195 5.90 -7.42 7.98
N SER A 196 4.72 -7.42 7.41
CA SER A 196 4.29 -8.44 6.43
C SER A 196 3.51 -7.83 5.24
N LEU A 197 3.30 -8.67 4.22
CA LEU A 197 2.28 -8.36 3.23
C LEU A 197 0.93 -8.30 3.97
N THR A 198 0.04 -7.42 3.57
CA THR A 198 -1.27 -7.32 4.18
C THR A 198 -2.34 -8.12 3.46
N THR A 199 -1.96 -8.86 2.41
CA THR A 199 -2.88 -9.79 1.72
C THR A 199 -2.17 -11.13 1.74
N PRO A 200 -2.93 -12.24 1.63
CA PRO A 200 -2.33 -13.53 1.32
C PRO A 200 -1.30 -13.39 0.21
N PRO A 201 -0.11 -14.00 0.30
CA PRO A 201 0.22 -15.00 1.31
C PRO A 201 0.80 -14.48 2.65
N LEU A 202 0.70 -13.18 2.95
CA LEU A 202 0.97 -12.65 4.30
C LEU A 202 2.42 -12.84 4.71
N LEU A 203 3.31 -12.90 3.75
CA LEU A 203 4.73 -13.22 4.04
C LEU A 203 5.36 -12.11 4.87
N GLU A 204 6.20 -12.50 5.80
CA GLU A 204 6.84 -11.60 6.77
C GLU A 204 8.17 -11.08 6.24
N CYS A 205 8.07 -10.27 5.17
CA CYS A 205 9.20 -9.87 4.32
C CYS A 205 9.30 -8.36 4.13
N VAL A 206 8.53 -7.59 4.87
CA VAL A 206 8.37 -6.16 4.60
C VAL A 206 8.97 -5.29 5.69
N THR A 207 9.77 -4.30 5.25
CA THR A 207 10.05 -3.14 6.11
C THR A 207 9.03 -2.06 5.74
N TRP A 208 8.14 -1.76 6.68
CA TRP A 208 7.10 -0.75 6.50
C TRP A 208 7.64 0.61 6.80
N ILE A 209 7.38 1.56 5.95
CA ILE A 209 7.69 2.99 6.09
C ILE A 209 6.37 3.73 5.87
N VAL A 210 5.77 4.26 6.90
CA VAL A 210 4.44 4.87 6.82
C VAL A 210 4.60 6.38 7.01
N LEU A 211 4.26 7.16 6.00
CA LEU A 211 4.42 8.62 6.12
C LEU A 211 3.41 9.19 7.11
N LYS A 212 3.89 10.15 7.91
CA LYS A 212 2.97 10.80 8.88
C LYS A 212 1.97 11.72 8.17
N GLU A 213 2.40 12.42 7.12
CA GLU A 213 1.50 13.41 6.49
C GLU A 213 0.60 12.75 5.46
N PRO A 214 -0.73 12.82 5.60
CA PRO A 214 -1.59 12.25 4.59
C PRO A 214 -1.61 13.16 3.36
N ILE A 215 -2.00 12.57 2.23
CA ILE A 215 -2.38 13.36 1.05
C ILE A 215 -3.88 13.57 1.09
N SER A 216 -4.31 14.68 0.48
CA SER A 216 -5.73 15.02 0.31
C SER A 216 -6.14 14.60 -1.09
N VAL A 217 -7.28 13.92 -1.15
CA VAL A 217 -7.95 13.60 -2.43
C VAL A 217 -9.38 14.10 -2.34
N SER A 218 -10.03 14.30 -3.48
CA SER A 218 -11.42 14.78 -3.40
C SER A 218 -12.41 13.62 -3.21
N SER A 219 -13.59 13.99 -2.76
CA SER A 219 -14.70 13.02 -2.59
CA SER A 219 -14.70 13.01 -2.58
C SER A 219 -14.96 12.35 -3.94
N GLU A 220 -14.93 13.12 -5.04
CA GLU A 220 -15.19 12.57 -6.38
C GLU A 220 -14.11 11.57 -6.77
N GLN A 221 -12.85 11.82 -6.40
CA GLN A 221 -11.76 10.90 -6.72
C GLN A 221 -12.02 9.57 -6.02
N VAL A 222 -12.27 9.56 -4.71
CA VAL A 222 -12.44 8.24 -4.02
CA VAL A 222 -12.47 8.29 -3.97
C VAL A 222 -13.77 7.62 -4.44
N LEU A 223 -14.81 8.39 -4.77
CA LEU A 223 -16.07 7.78 -5.24
C LEU A 223 -15.76 6.93 -6.47
N LYS A 224 -14.81 7.35 -7.31
CA LYS A 224 -14.52 6.58 -8.54
C LYS A 224 -13.78 5.30 -8.16
N PHE A 225 -12.92 5.29 -7.13
CA PHE A 225 -12.38 3.98 -6.66
C PHE A 225 -13.50 3.00 -6.33
N ARG A 226 -14.53 3.50 -5.70
CA ARG A 226 -15.63 2.67 -5.19
C ARG A 226 -16.59 2.18 -6.29
N LYS A 227 -16.39 2.58 -7.52
CA LYS A 227 -17.15 2.08 -8.70
C LYS A 227 -16.49 0.88 -9.32
N LEU A 228 -15.26 0.56 -8.94
CA LEU A 228 -14.62 -0.68 -9.38
C LEU A 228 -15.38 -1.88 -8.88
N ASN A 229 -15.12 -3.02 -9.52
CA ASN A 229 -15.75 -4.29 -9.16
C ASN A 229 -14.72 -5.33 -8.73
N PHE A 230 -15.04 -6.09 -7.69
CA PHE A 230 -14.27 -7.33 -7.36
C PHE A 230 -14.45 -8.43 -8.39
N ASN A 231 -15.65 -8.52 -8.91
CA ASN A 231 -16.07 -9.57 -9.82
C ASN A 231 -15.48 -9.39 -11.20
N GLY A 232 -15.47 -10.48 -11.95
CA GLY A 232 -15.19 -10.46 -13.40
C GLY A 232 -16.40 -10.02 -14.22
N GLU A 233 -16.11 -9.67 -15.45
CA GLU A 233 -17.14 -9.30 -16.42
C GLU A 233 -18.15 -10.44 -16.51
N GLY A 234 -19.42 -10.10 -16.63
CA GLY A 234 -20.46 -11.10 -16.79
C GLY A 234 -20.86 -11.84 -15.54
N GLU A 235 -20.36 -11.41 -14.38
CA GLU A 235 -20.68 -12.01 -13.06
C GLU A 235 -21.51 -10.99 -12.30
N PRO A 236 -22.16 -11.39 -11.18
CA PRO A 236 -22.92 -10.45 -10.38
C PRO A 236 -21.98 -9.37 -9.83
N GLU A 237 -22.48 -8.14 -9.87
CA GLU A 237 -21.67 -6.98 -9.45
C GLU A 237 -21.47 -6.99 -7.93
N GLU A 238 -20.21 -6.89 -7.57
CA GLU A 238 -19.75 -6.66 -6.19
C GLU A 238 -18.80 -5.48 -6.19
N LEU A 239 -19.26 -4.37 -5.64
CA LEU A 239 -18.43 -3.15 -5.67
C LEU A 239 -17.14 -3.41 -4.91
N MET A 240 -16.05 -2.94 -5.45
CA MET A 240 -14.69 -3.02 -4.81
C MET A 240 -14.62 -1.92 -3.78
N VAL A 241 -14.95 -2.30 -2.53
CA VAL A 241 -14.91 -1.38 -1.37
C VAL A 241 -14.46 -2.22 -0.17
N ASP A 242 -13.88 -1.54 0.82
CA ASP A 242 -13.47 -2.19 2.08
C ASP A 242 -12.49 -3.32 1.79
N ASN A 243 -11.51 -3.07 0.94
CA ASN A 243 -10.45 -4.03 0.60
C ASN A 243 -9.23 -3.78 1.49
N TRP A 244 -9.42 -3.68 2.81
CA TRP A 244 -8.41 -3.42 3.83
C TRP A 244 -8.46 -4.52 4.89
N ARG A 245 -7.29 -4.89 5.34
CA ARG A 245 -7.11 -5.78 6.51
C ARG A 245 -7.07 -4.92 7.77
N PRO A 246 -7.71 -5.31 8.87
CA PRO A 246 -7.60 -4.51 10.09
C PRO A 246 -6.22 -4.69 10.77
N ALA A 247 -6.00 -3.81 11.75
CA ALA A 247 -4.76 -3.83 12.55
C ALA A 247 -4.59 -5.18 13.27
N GLN A 248 -3.35 -5.65 13.28
CA GLN A 248 -2.91 -6.92 13.84
C GLN A 248 -2.10 -6.68 15.10
N PRO A 249 -1.90 -7.70 15.96
CA PRO A 249 -1.17 -7.47 17.21
C PRO A 249 0.29 -7.07 16.91
N LEU A 250 0.76 -6.10 17.65
CA LEU A 250 2.13 -5.61 17.52
C LEU A 250 3.16 -6.63 18.00
N LYS A 251 2.83 -7.38 19.04
CA LYS A 251 3.72 -8.44 19.57
C LYS A 251 5.05 -7.80 20.00
N ASN A 252 6.16 -8.41 19.62
CA ASN A 252 7.49 -8.03 20.11
C ASN A 252 8.09 -7.08 19.07
N ARG A 253 7.42 -5.94 18.83
CA ARG A 253 7.93 -4.97 17.85
C ARG A 253 7.87 -3.57 18.38
N GLN A 254 8.77 -2.77 17.85
CA GLN A 254 8.85 -1.35 18.18
C GLN A 254 8.60 -0.57 16.91
N ILE A 255 7.79 0.44 17.01
CA ILE A 255 7.59 1.38 15.89
C ILE A 255 8.52 2.56 16.17
N LYS A 256 9.35 2.89 15.20
CA LYS A 256 10.32 4.00 15.37
C LYS A 256 9.85 5.17 14.53
N ALA A 257 10.06 6.38 15.01
CA ALA A 257 9.74 7.64 14.32
C ALA A 257 11.02 8.26 13.76
N SER A 258 10.91 8.86 12.59
CA SER A 258 12.06 9.54 11.96
C SER A 258 12.18 10.97 12.48
N PHE A 259 11.20 11.43 13.23
CA PHE A 259 11.00 12.86 13.56
C PHE A 259 10.79 12.99 15.05
N LYS A 260 11.26 14.14 15.52
CA LYS A 260 11.44 14.41 16.97
C LYS A 260 10.07 14.74 17.51
C1 GOL B . -0.89 -6.13 -4.94
O1 GOL B . -0.98 -7.30 -5.75
C2 GOL B . -2.24 -5.90 -4.31
O2 GOL B . -3.16 -5.39 -5.28
C3 GOL B . -2.94 -7.12 -3.74
O3 GOL B . -4.29 -6.76 -3.45
C1 EDO C . -12.60 -4.80 6.05
O1 EDO C . -11.62 -5.30 7.01
C2 EDO C . -12.93 -5.94 5.25
O2 EDO C . -13.94 -5.74 4.31
ZN ZN D . -1.34 -2.92 0.08
C11 A1IWH E . 3.19 -9.11 -7.00
C14 A1IWH E . 1.03 -11.03 -7.62
C17 A1IWH E . 1.81 -8.44 -4.93
O1 A1IWH E . 2.27 -7.02 -7.74
C2 A1IWH E . 2.89 -8.02 -8.06
N3 A1IWH E . 3.42 -8.17 -9.27
C4 A1IWH E . 3.11 -7.24 -10.35
C5 A1IWH E . 4.31 -7.06 -11.25
C6 A1IWH E . 4.88 -8.20 -11.84
C7 A1IWH E . 6.01 -8.10 -12.63
C8 A1IWH E . 6.59 -6.84 -12.85
C9 A1IWH E . 6.02 -5.71 -12.27
C10 A1IWH E . 4.90 -5.82 -11.48
N12 A1IWH E . 2.04 -9.31 -6.08
C13 A1IWH E . 1.11 -10.27 -6.31
CL15 A1IWH E . 0.42 -9.98 -8.92
O16 A1IWH E . 0.29 -10.52 -5.43
C18 A1IWH E . 2.35 -8.99 -3.61
C19 A1IWH E . 1.97 -7.97 -2.57
C20 A1IWH E . 0.90 -8.19 -1.71
C21 A1IWH E . 0.57 -7.26 -0.73
C22 A1IWH E . 1.30 -6.08 -0.63
S23 A1IWH E . 0.93 -4.87 0.59
O24 A1IWH E . 1.38 -5.42 1.84
N25 A1IWH E . -0.64 -4.67 0.67
O26 A1IWH E . 1.57 -3.67 0.15
C27 A1IWH E . 2.36 -5.86 -1.50
C28 A1IWH E . 2.68 -6.79 -2.45
C29 A1IWH E . 4.48 -8.86 -6.26
C30 A1IWH E . 4.89 -7.56 -5.89
C31 A1IWH E . 6.04 -7.37 -5.14
C32 A1IWH E . 6.81 -8.44 -4.74
C33 A1IWH E . 6.41 -9.73 -5.12
C34 A1IWH E . 5.27 -9.93 -5.86
#